data_3LKV
#
_entry.id   3LKV
#
_cell.length_a   144.256
_cell.length_b   144.256
_cell.length_c   144.256
_cell.angle_alpha   90.00
_cell.angle_beta   90.00
_cell.angle_gamma   90.00
#
_symmetry.space_group_name_H-M   'P 41 3 2'
#
loop_
_entity.id
_entity.type
_entity.pdbx_description
1 polymer 'uncharacterized CONSERVED DOMAIN PROTEIN'
2 non-polymer PHENYLALANINE
3 non-polymer 'ZINC ION'
4 non-polymer 'SULFATE ION'
5 non-polymer GLYCEROL
6 water water
#
_entity_poly.entity_id   1
_entity_poly.type   'polypeptide(L)'
_entity_poly.pdbx_seq_one_letter_code
;SNAI(MSE)AKTAKVAVSQIVEHPALDATRQGLLDGLKAKGYEEGKNLEFDYKTAQGNPAIAVQIARQFVGENPDVLVGI
ATPTAQALVSATKTIPIVFTAVTDPVGAKLVKQLEQPGKNVTGLSDLSPVEQHVELIKEILPNVKSIGVVYNPGEANAVS
L(MSE)ELLKLSAAKHGIKLVEATALKSADVQSATQAIAEKSDVIYALIDNTVASAIEG(MSE)IVAANQAKTPVFGAAT
SYVERGAIASLGFDYYQIGVQTADYVAAILEGKEPGSLDVQVAKGSDLVINKTAAEQLGITIPEAVLARATSTK
;
_entity_poly.pdbx_strand_id   A
#
loop_
_chem_comp.id
_chem_comp.type
_chem_comp.name
_chem_comp.formula
GOL non-polymer GLYCEROL 'C3 H8 O3'
SO4 non-polymer 'SULFATE ION' 'O4 S -2'
ZN non-polymer 'ZINC ION' 'Zn 2'
#
# COMPACT_ATOMS: atom_id res chain seq x y z
N LYS A 7 17.03 -18.57 -21.49
CA LYS A 7 15.77 -18.54 -22.33
C LYS A 7 14.46 -18.58 -21.48
N THR A 8 14.45 -19.26 -20.34
CA THR A 8 13.38 -19.09 -19.36
C THR A 8 13.63 -17.78 -18.57
N ALA A 9 12.68 -16.88 -18.52
CA ALA A 9 12.83 -15.72 -17.67
C ALA A 9 12.64 -16.13 -16.20
N LYS A 10 13.50 -15.62 -15.34
CA LYS A 10 13.39 -15.90 -13.92
C LYS A 10 13.10 -14.63 -13.16
N VAL A 11 11.91 -14.57 -12.59
CA VAL A 11 11.41 -13.42 -11.87
C VAL A 11 11.16 -13.86 -10.43
N ALA A 12 11.78 -13.15 -9.48
CA ALA A 12 11.69 -13.49 -8.07
C ALA A 12 11.01 -12.33 -7.33
N VAL A 13 9.95 -12.68 -6.63
CA VAL A 13 9.04 -11.73 -6.05
C VAL A 13 9.08 -11.83 -4.54
N SER A 14 9.42 -10.73 -3.89
CA SER A 14 9.44 -10.65 -2.46
C SER A 14 8.38 -9.66 -1.96
N GLN A 15 7.62 -10.08 -0.96
CA GLN A 15 6.44 -9.36 -0.48
C GLN A 15 6.50 -9.33 1.02
N ILE A 16 6.30 -8.17 1.64
CA ILE A 16 6.51 -8.08 3.08
C ILE A 16 5.58 -9.00 3.87
N VAL A 17 4.32 -9.09 3.43
CA VAL A 17 3.32 -9.88 4.13
C VAL A 17 2.19 -10.13 3.16
N GLU A 18 1.43 -11.19 3.38
CA GLU A 18 0.17 -11.41 2.62
C GLU A 18 -0.98 -10.62 3.23
N HIS A 19 -1.34 -9.50 2.59
CA HIS A 19 -2.62 -8.86 2.82
C HIS A 19 -3.25 -8.58 1.46
N PRO A 20 -4.58 -8.42 1.41
CA PRO A 20 -5.23 -8.47 0.10
C PRO A 20 -4.69 -7.52 -0.97
N ALA A 21 -4.34 -6.27 -0.61
CA ALA A 21 -3.81 -5.35 -1.63
C ALA A 21 -2.53 -5.90 -2.28
N LEU A 22 -1.65 -6.44 -1.46
CA LEU A 22 -0.38 -6.91 -2.03
C LEU A 22 -0.55 -8.19 -2.80
N ASP A 23 -1.47 -9.04 -2.35
CA ASP A 23 -1.82 -10.24 -3.10
C ASP A 23 -2.47 -9.90 -4.43
N ALA A 24 -3.25 -8.82 -4.51
CA ALA A 24 -3.84 -8.45 -5.78
C ALA A 24 -2.73 -7.91 -6.70
N THR A 25 -1.78 -7.19 -6.14
CA THR A 25 -0.70 -6.68 -6.92
C THR A 25 0.07 -7.84 -7.53
N ARG A 26 0.35 -8.84 -6.72
CA ARG A 26 1.09 -10.00 -7.19
C ARG A 26 0.33 -10.79 -8.27
N GLN A 27 -0.98 -10.94 -8.13
CA GLN A 27 -1.76 -11.64 -9.14
C GLN A 27 -1.76 -10.86 -10.45
N GLY A 28 -1.89 -9.55 -10.30
CA GLY A 28 -1.82 -8.65 -11.45
C GLY A 28 -0.51 -8.74 -12.23
N LEU A 29 0.58 -8.87 -11.49
CA LEU A 29 1.86 -9.01 -12.11
C LEU A 29 1.94 -10.32 -12.93
N LEU A 30 1.52 -11.41 -12.30
CA LEU A 30 1.48 -12.68 -12.92
C LEU A 30 0.62 -12.69 -14.22
N ASP A 31 -0.58 -12.11 -14.17
CA ASP A 31 -1.49 -12.08 -15.33
C ASP A 31 -0.94 -11.13 -16.40
N GLY A 32 -0.34 -10.03 -15.99
CA GLY A 32 0.24 -9.11 -16.95
C GLY A 32 1.44 -9.74 -17.66
N LEU A 33 2.24 -10.52 -16.92
CA LEU A 33 3.38 -11.22 -17.57
C LEU A 33 2.86 -12.24 -18.59
N LYS A 34 1.80 -12.95 -18.24
CA LYS A 34 1.17 -13.86 -19.19
C LYS A 34 0.75 -13.13 -20.47
N ALA A 35 0.03 -12.02 -20.35
CA ALA A 35 -0.37 -11.26 -21.52
C ALA A 35 0.85 -10.78 -22.32
N LYS A 36 2.01 -10.60 -21.70
CA LYS A 36 3.24 -10.24 -22.44
C LYS A 36 3.98 -11.45 -23.02
N GLY A 37 3.41 -12.65 -22.96
CA GLY A 37 4.08 -13.86 -23.44
C GLY A 37 4.98 -14.60 -22.45
N TYR A 38 4.95 -14.24 -21.16
CA TYR A 38 5.69 -14.98 -20.13
C TYR A 38 4.72 -15.82 -19.27
N GLU A 39 4.78 -17.14 -19.46
CA GLU A 39 3.84 -18.06 -18.86
C GLU A 39 4.56 -19.07 -17.99
N GLU A 40 4.01 -19.26 -16.81
CA GLU A 40 4.52 -20.22 -15.86
C GLU A 40 4.38 -21.57 -16.45
N GLY A 41 5.34 -22.42 -16.29
CA GLY A 41 5.28 -23.73 -16.93
C GLY A 41 5.94 -23.78 -18.30
N LYS A 42 6.17 -22.64 -18.93
CA LYS A 42 6.71 -22.65 -20.31
C LYS A 42 8.00 -21.88 -20.25
N ASN A 43 7.97 -20.56 -20.21
CA ASN A 43 9.17 -19.79 -20.32
C ASN A 43 9.31 -18.84 -19.14
N LEU A 44 8.55 -19.03 -18.08
CA LEU A 44 8.61 -18.12 -16.94
C LEU A 44 8.72 -18.97 -15.69
N GLU A 45 9.72 -18.70 -14.87
CA GLU A 45 9.86 -19.25 -13.53
C GLU A 45 9.57 -18.03 -12.63
N PHE A 46 8.51 -18.12 -11.86
CA PHE A 46 8.01 -17.01 -11.05
C PHE A 46 8.13 -17.51 -9.61
N ASP A 47 9.15 -17.10 -8.91
CA ASP A 47 9.34 -17.52 -7.52
C ASP A 47 8.85 -16.38 -6.65
N TYR A 48 8.39 -16.74 -5.47
CA TYR A 48 7.63 -15.89 -4.60
C TYR A 48 7.98 -16.25 -3.14
N LYS A 49 8.24 -15.26 -2.31
CA LYS A 49 8.43 -15.45 -0.88
C LYS A 49 7.75 -14.31 -0.12
N THR A 50 7.08 -14.64 1.00
CA THR A 50 6.55 -13.62 1.87
C THR A 50 7.45 -13.57 3.11
N ALA A 51 7.70 -12.35 3.60
CA ALA A 51 8.46 -12.14 4.79
C ALA A 51 7.63 -12.28 6.04
N GLN A 52 6.36 -12.58 5.90
CA GLN A 52 5.46 -12.75 7.06
C GLN A 52 5.53 -11.56 8.02
N GLY A 53 5.66 -10.37 7.50
CA GLY A 53 5.64 -9.16 8.30
C GLY A 53 6.98 -8.91 9.00
N ASN A 54 7.94 -9.82 8.85
CA ASN A 54 9.23 -9.70 9.52
C ASN A 54 10.27 -8.96 8.68
N PRO A 55 10.79 -7.88 9.23
CA PRO A 55 11.83 -7.10 8.53
C PRO A 55 13.11 -7.91 8.38
N ALA A 56 13.32 -8.86 9.29
CA ALA A 56 14.49 -9.73 9.24
C ALA A 56 14.37 -10.74 8.10
N ILE A 57 13.19 -11.35 7.99
CA ILE A 57 12.94 -12.33 6.92
C ILE A 57 13.04 -11.60 5.59
N ALA A 58 12.57 -10.37 5.52
CA ALA A 58 12.75 -9.59 4.31
C ALA A 58 14.24 -9.58 3.86
N VAL A 59 15.15 -9.44 4.81
CA VAL A 59 16.57 -9.40 4.49
C VAL A 59 17.02 -10.79 4.04
N GLN A 60 16.57 -11.83 4.73
CA GLN A 60 16.97 -13.18 4.33
C GLN A 60 16.45 -13.59 2.96
N ILE A 61 15.24 -13.15 2.64
CA ILE A 61 14.66 -13.40 1.34
C ILE A 61 15.52 -12.73 0.27
N ALA A 62 15.86 -11.45 0.49
CA ALA A 62 16.68 -10.70 -0.47
C ALA A 62 18.00 -11.41 -0.72
N ARG A 63 18.65 -11.88 0.34
CA ARG A 63 19.94 -12.55 0.19
C ARG A 63 19.80 -13.90 -0.54
N GLN A 64 18.76 -14.65 -0.25
CA GLN A 64 18.57 -15.96 -0.88
C GLN A 64 18.28 -15.75 -2.35
N PHE A 65 17.37 -14.80 -2.64
CA PHE A 65 17.00 -14.55 -4.03
C PHE A 65 18.19 -14.05 -4.83
N VAL A 66 18.96 -13.12 -4.27
CA VAL A 66 20.13 -12.64 -5.00
C VAL A 66 21.11 -13.78 -5.33
N GLY A 67 21.24 -14.76 -4.46
CA GLY A 67 22.14 -15.85 -4.72
C GLY A 67 21.65 -16.85 -5.77
N GLU A 68 20.38 -16.79 -6.19
CA GLU A 68 19.82 -17.64 -7.22
C GLU A 68 19.84 -16.95 -8.61
N ASN A 69 20.53 -15.83 -8.74
CA ASN A 69 20.64 -15.14 -10.02
C ASN A 69 19.35 -15.06 -10.88
N PRO A 70 18.33 -14.39 -10.37
CA PRO A 70 17.14 -14.21 -11.21
C PRO A 70 17.41 -13.10 -12.22
N ASP A 71 16.61 -13.03 -13.28
CA ASP A 71 16.74 -11.97 -14.28
C ASP A 71 16.20 -10.66 -13.71
N VAL A 72 15.13 -10.75 -12.92
CA VAL A 72 14.52 -9.55 -12.37
C VAL A 72 13.99 -9.84 -10.98
N LEU A 73 14.24 -8.91 -10.08
CA LEU A 73 13.73 -9.00 -8.71
C LEU A 73 12.57 -8.02 -8.58
N VAL A 74 11.48 -8.44 -7.95
CA VAL A 74 10.31 -7.58 -7.79
C VAL A 74 10.07 -7.43 -6.29
N GLY A 75 10.08 -6.20 -5.81
CA GLY A 75 9.81 -5.97 -4.41
C GLY A 75 8.44 -5.35 -4.26
N ILE A 76 7.51 -6.11 -3.71
CA ILE A 76 6.19 -5.62 -3.51
C ILE A 76 6.13 -5.10 -2.03
N ALA A 77 5.93 -3.79 -1.90
CA ALA A 77 5.86 -3.07 -0.62
C ALA A 77 7.24 -2.60 -0.21
N THR A 78 7.27 -1.58 0.62
CA THR A 78 8.50 -0.83 0.88
C THR A 78 9.60 -1.62 1.60
N PRO A 79 9.26 -2.32 2.68
CA PRO A 79 10.34 -2.96 3.47
C PRO A 79 11.05 -4.07 2.67
N THR A 80 10.32 -4.80 1.85
CA THR A 80 10.94 -5.88 1.06
C THR A 80 11.71 -5.24 -0.08
N ALA A 81 11.21 -4.15 -0.66
CA ALA A 81 11.98 -3.45 -1.69
C ALA A 81 13.29 -2.95 -1.13
N GLN A 82 13.24 -2.40 0.06
CA GLN A 82 14.41 -1.87 0.68
C GLN A 82 15.44 -2.94 0.91
N ALA A 83 15.00 -4.12 1.34
CA ALA A 83 15.97 -5.23 1.53
C ALA A 83 16.61 -5.66 0.22
N LEU A 84 15.84 -5.58 -0.88
CA LEU A 84 16.41 -5.96 -2.17
C LEU A 84 17.51 -4.97 -2.61
N VAL A 85 17.24 -3.68 -2.43
CA VAL A 85 18.20 -2.63 -2.81
C VAL A 85 19.51 -2.76 -2.04
N SER A 86 19.39 -3.22 -0.80
CA SER A 86 20.59 -3.50 -0.01
C SER A 86 21.39 -4.75 -0.52
N ALA A 87 20.65 -5.75 -1.02
CA ALA A 87 21.24 -7.06 -1.37
C ALA A 87 21.82 -7.11 -2.77
N THR A 88 21.39 -6.19 -3.61
CA THR A 88 21.99 -6.09 -4.94
C THR A 88 21.99 -4.69 -5.52
N LYS A 89 23.11 -4.33 -6.14
CA LYS A 89 23.23 -3.07 -6.87
C LYS A 89 23.21 -3.21 -8.40
N THR A 90 23.01 -4.42 -8.91
CA THR A 90 23.20 -4.72 -10.32
C THR A 90 22.06 -5.55 -10.93
N ILE A 91 21.49 -6.47 -10.16
CA ILE A 91 20.31 -7.19 -10.65
C ILE A 91 19.16 -6.20 -10.69
N PRO A 92 18.48 -6.09 -11.84
CA PRO A 92 17.33 -5.20 -11.88
C PRO A 92 16.30 -5.48 -10.80
N ILE A 93 15.86 -4.40 -10.15
CA ILE A 93 14.81 -4.40 -9.13
C ILE A 93 13.67 -3.53 -9.64
N VAL A 94 12.48 -4.10 -9.68
CA VAL A 94 11.27 -3.34 -9.96
C VAL A 94 10.45 -3.37 -8.69
N PHE A 95 10.28 -2.24 -8.06
CA PHE A 95 9.45 -2.22 -6.88
C PHE A 95 8.06 -1.87 -7.33
N THR A 96 7.11 -2.23 -6.49
CA THR A 96 5.73 -2.01 -6.77
C THR A 96 4.93 -1.84 -5.49
N ALA A 97 3.88 -1.04 -5.57
CA ALA A 97 3.05 -0.69 -4.46
C ALA A 97 3.88 -0.09 -3.36
N VAL A 98 4.82 0.77 -3.78
CA VAL A 98 5.64 1.51 -2.81
C VAL A 98 5.16 2.97 -2.71
N THR A 99 4.83 3.40 -1.51
CA THR A 99 4.18 4.67 -1.30
C THR A 99 5.06 5.87 -1.71
N ASP A 100 6.32 5.88 -1.28
CA ASP A 100 7.24 7.02 -1.53
C ASP A 100 8.68 6.50 -1.71
N PRO A 101 9.01 6.15 -2.95
CA PRO A 101 10.32 5.55 -3.18
C PRO A 101 11.51 6.43 -2.91
N VAL A 102 11.35 7.74 -3.03
CA VAL A 102 12.48 8.64 -2.74
C VAL A 102 12.72 8.63 -1.25
N GLY A 103 11.64 8.83 -0.49
CA GLY A 103 11.73 8.85 0.97
C GLY A 103 12.24 7.51 1.48
N ALA A 104 11.96 6.42 0.76
CA ALA A 104 12.39 5.07 1.19
C ALA A 104 13.78 4.77 0.74
N LYS A 105 14.39 5.68 -0.02
CA LYS A 105 15.78 5.48 -0.48
C LYS A 105 15.96 4.36 -1.48
N LEU A 106 14.94 4.10 -2.24
CA LEU A 106 15.03 3.15 -3.30
C LEU A 106 15.58 3.78 -4.58
N VAL A 107 15.18 5.03 -4.84
CA VAL A 107 15.69 5.80 -5.94
C VAL A 107 16.05 7.24 -5.48
N LYS A 108 17.02 7.86 -6.14
CA LYS A 108 17.35 9.26 -5.85
C LYS A 108 16.23 10.21 -6.30
N GLN A 109 15.58 9.87 -7.40
CA GLN A 109 14.43 10.66 -7.90
C GLN A 109 13.61 9.78 -8.85
N LEU A 110 12.40 10.18 -9.10
CA LEU A 110 11.50 9.39 -9.94
C LEU A 110 11.86 9.42 -11.45
N GLU A 111 12.36 10.56 -11.95
CA GLU A 111 12.74 10.68 -13.37
C GLU A 111 14.12 10.07 -13.61
N GLN A 112 14.22 9.07 -14.46
CA GLN A 112 15.55 8.53 -14.80
C GLN A 112 16.37 8.10 -13.52
N PRO A 113 15.84 7.15 -12.78
CA PRO A 113 16.46 6.85 -11.50
C PRO A 113 17.94 6.49 -11.61
N GLY A 114 18.33 5.90 -12.72
CA GLY A 114 19.75 5.86 -13.10
C GLY A 114 20.54 4.70 -12.50
N LYS A 115 19.98 3.89 -11.61
CA LYS A 115 20.77 2.75 -11.17
C LYS A 115 20.05 1.42 -11.51
N ASN A 116 20.11 0.42 -10.63
CA ASN A 116 19.43 -0.87 -10.93
C ASN A 116 17.95 -0.97 -10.49
N VAL A 117 17.36 0.14 -10.10
CA VAL A 117 16.06 0.18 -9.47
C VAL A 117 15.08 1.07 -10.20
N THR A 118 13.86 0.57 -10.36
CA THR A 118 12.76 1.32 -10.93
C THR A 118 11.46 0.72 -10.48
N GLY A 119 10.33 1.27 -10.92
CA GLY A 119 9.03 0.66 -10.61
C GLY A 119 7.85 1.59 -10.44
N LEU A 120 6.94 1.22 -9.57
CA LEU A 120 5.64 1.87 -9.46
C LEU A 120 5.33 2.28 -8.02
N SER A 121 4.89 3.52 -7.88
CA SER A 121 4.47 4.06 -6.61
C SER A 121 2.96 4.13 -6.44
N ASP A 122 2.47 3.80 -5.23
CA ASP A 122 1.01 3.95 -4.87
C ASP A 122 0.78 5.08 -3.86
N LEU A 123 1.46 6.20 -4.09
CA LEU A 123 1.43 7.34 -3.19
C LEU A 123 -0.02 7.76 -2.97
N SER A 124 -0.53 7.73 -1.73
CA SER A 124 -1.91 8.09 -1.43
C SER A 124 -2.15 9.58 -1.59
N PRO A 125 -3.29 9.97 -2.15
CA PRO A 125 -3.65 11.40 -2.12
C PRO A 125 -4.26 11.76 -0.74
N VAL A 126 -3.39 11.98 0.22
CA VAL A 126 -3.81 12.18 1.60
C VAL A 126 -4.76 13.44 1.71
N GLU A 127 -4.37 14.55 1.08
CA GLU A 127 -5.19 15.77 1.08
C GLU A 127 -6.62 15.48 0.62
N GLN A 128 -6.72 14.75 -0.47
CA GLN A 128 -8.01 14.37 -0.97
C GLN A 128 -8.76 13.47 0.05
N HIS A 129 -8.07 12.61 0.76
CA HIS A 129 -8.73 11.80 1.77
C HIS A 129 -9.26 12.65 2.95
N VAL A 130 -8.51 13.64 3.39
CA VAL A 130 -8.97 14.51 4.46
C VAL A 130 -10.20 15.29 4.03
N GLU A 131 -10.17 15.81 2.81
CA GLU A 131 -11.28 16.59 2.29
C GLU A 131 -12.47 15.66 2.19
N LEU A 132 -12.23 14.40 1.85
CA LEU A 132 -13.33 13.46 1.75
C LEU A 132 -13.91 13.08 3.13
N ILE A 133 -13.06 12.92 4.13
CA ILE A 133 -13.49 12.66 5.50
C ILE A 133 -14.34 13.82 6.00
N LYS A 134 -13.93 15.05 5.70
CA LYS A 134 -14.68 16.25 6.09
C LYS A 134 -16.04 16.35 5.38
N GLU A 135 -16.11 15.83 4.17
CA GLU A 135 -17.34 15.81 3.37
C GLU A 135 -18.37 14.80 3.91
N ILE A 136 -17.88 13.62 4.25
CA ILE A 136 -18.71 12.55 4.78
C ILE A 136 -19.14 12.82 6.20
N LEU A 137 -18.29 13.52 6.95
CA LEU A 137 -18.44 13.76 8.39
C LEU A 137 -18.12 15.22 8.65
N PRO A 138 -19.10 16.13 8.41
CA PRO A 138 -18.78 17.57 8.39
C PRO A 138 -18.40 18.15 9.74
N ASN A 139 -18.71 17.46 10.82
CA ASN A 139 -18.33 17.93 12.16
C ASN A 139 -17.05 17.32 12.73
N VAL A 140 -16.22 16.71 11.86
CA VAL A 140 -14.93 16.15 12.32
C VAL A 140 -14.06 17.25 12.89
N LYS A 141 -13.58 17.04 14.10
CA LYS A 141 -12.56 17.90 14.71
C LYS A 141 -11.25 17.16 14.87
N SER A 142 -11.30 15.84 14.80
CA SER A 142 -10.26 14.98 15.24
C SER A 142 -10.09 13.76 14.33
N ILE A 143 -8.86 13.50 13.89
CA ILE A 143 -8.56 12.29 13.10
C ILE A 143 -7.57 11.46 13.85
N GLY A 144 -7.93 10.22 14.08
CA GLY A 144 -7.05 9.25 14.75
C GLY A 144 -6.28 8.49 13.70
N VAL A 145 -5.04 8.13 14.02
CA VAL A 145 -4.26 7.35 13.07
C VAL A 145 -3.28 6.50 13.81
N VAL A 146 -3.17 5.25 13.37
CA VAL A 146 -2.21 4.31 13.92
C VAL A 146 -1.22 4.01 12.79
N TYR A 147 0.05 3.94 13.12
CA TYR A 147 1.05 3.67 12.10
C TYR A 147 2.29 3.05 12.71
N ASN A 148 3.10 2.50 11.83
CA ASN A 148 4.34 1.81 12.23
C ASN A 148 5.53 2.66 11.80
N PRO A 149 6.24 3.22 12.79
CA PRO A 149 7.31 4.13 12.47
C PRO A 149 8.50 3.42 11.85
N GLY A 150 8.56 2.09 11.90
CA GLY A 150 9.56 1.28 11.16
C GLY A 150 9.28 1.17 9.67
N GLU A 151 8.11 1.64 9.19
CA GLU A 151 7.81 1.60 7.77
C GLU A 151 7.95 2.97 7.11
N ALA A 152 8.90 3.11 6.21
CA ALA A 152 9.17 4.42 5.62
C ALA A 152 7.92 4.92 4.89
N ASN A 153 7.14 4.00 4.34
CA ASN A 153 5.88 4.43 3.74
C ASN A 153 4.96 5.14 4.72
N ALA A 154 4.87 4.61 5.95
CA ALA A 154 3.98 5.21 6.95
C ALA A 154 4.51 6.59 7.34
N VAL A 155 5.83 6.70 7.50
CA VAL A 155 6.47 7.95 7.88
C VAL A 155 6.20 8.99 6.82
N SER A 156 6.41 8.65 5.55
CA SER A 156 6.11 9.60 4.47
C SER A 156 4.64 10.02 4.50
N LEU A 157 3.73 9.06 4.68
CA LEU A 157 2.33 9.40 4.75
C LEU A 157 1.97 10.30 5.95
N MSE A 158 2.55 10.05 7.11
CA MSE A 158 2.31 10.91 8.29
C MSE A 158 2.75 12.36 8.01
O MSE A 158 2.12 13.29 8.49
CB MSE A 158 2.99 10.35 9.55
CG MSE A 158 2.38 9.04 10.02
SE MSE A 158 0.47 9.33 10.51
CE MSE A 158 0.83 10.76 11.84
N GLU A 159 3.82 12.57 7.24
CA GLU A 159 4.22 13.94 6.96
C GLU A 159 3.14 14.59 6.12
N LEU A 160 2.55 13.85 5.18
CA LEU A 160 1.49 14.43 4.37
C LEU A 160 0.21 14.64 5.18
N LEU A 161 -0.09 13.68 6.07
CA LEU A 161 -1.29 13.80 6.86
C LEU A 161 -1.18 15.01 7.82
N LYS A 162 0.00 15.22 8.44
CA LYS A 162 0.20 16.31 9.41
C LYS A 162 0.03 17.69 8.78
N LEU A 163 0.57 17.87 7.57
CA LEU A 163 0.36 19.10 6.82
C LEU A 163 -1.11 19.30 6.43
N SER A 164 -1.77 18.24 6.01
CA SER A 164 -3.15 18.40 5.57
C SER A 164 -4.15 18.56 6.74
N ALA A 165 -3.92 17.88 7.85
CA ALA A 165 -4.73 18.06 9.07
C ALA A 165 -4.66 19.51 9.54
N ALA A 166 -3.44 20.03 9.67
CA ALA A 166 -3.21 21.43 10.04
C ALA A 166 -3.85 22.44 9.05
N LYS A 167 -3.65 22.24 7.74
CA LYS A 167 -4.33 23.08 6.74
C LYS A 167 -5.85 23.16 6.92
N HIS A 168 -6.49 22.07 7.35
CA HIS A 168 -7.94 22.03 7.49
C HIS A 168 -8.44 22.22 8.93
N GLY A 169 -7.55 22.61 9.82
CA GLY A 169 -7.93 22.82 11.22
C GLY A 169 -8.35 21.57 12.00
N ILE A 170 -7.83 20.42 11.63
CA ILE A 170 -8.21 19.14 12.23
C ILE A 170 -7.06 18.65 13.09
N LYS A 171 -7.38 18.29 14.31
CA LYS A 171 -6.43 17.74 15.24
C LYS A 171 -6.17 16.27 14.87
N LEU A 172 -4.90 15.86 14.93
CA LEU A 172 -4.47 14.46 14.72
C LEU A 172 -4.23 13.79 16.03
N VAL A 173 -4.81 12.63 16.25
CA VAL A 173 -4.52 11.84 17.41
C VAL A 173 -3.78 10.58 16.96
N GLU A 174 -2.54 10.41 17.41
CA GLU A 174 -1.65 9.38 16.87
C GLU A 174 -1.25 8.31 17.85
N ALA A 175 -1.09 7.08 17.39
CA ALA A 175 -0.47 6.06 18.19
C ALA A 175 0.36 5.16 17.28
N THR A 176 1.45 4.61 17.78
CA THR A 176 2.25 3.74 16.96
C THR A 176 2.02 2.31 17.32
N ALA A 177 2.26 1.43 16.35
CA ALA A 177 2.17 0.01 16.53
C ALA A 177 3.38 -0.58 15.82
N LEU A 178 4.25 -1.25 16.57
CA LEU A 178 5.48 -1.77 16.01
C LEU A 178 5.29 -3.09 15.28
N LYS A 179 4.21 -3.78 15.54
CA LYS A 179 3.92 -5.01 14.84
C LYS A 179 2.41 -5.16 14.86
N SER A 180 1.91 -6.03 13.99
CA SER A 180 0.49 -6.06 13.75
C SER A 180 -0.33 -6.45 14.94
N ALA A 181 0.24 -7.20 15.87
CA ALA A 181 -0.47 -7.59 17.05
C ALA A 181 -0.68 -6.43 18.02
N ASP A 182 0.01 -5.31 17.87
CA ASP A 182 -0.26 -4.15 18.72
C ASP A 182 -1.29 -3.20 18.10
N VAL A 183 -1.75 -3.46 16.88
CA VAL A 183 -2.60 -2.48 16.18
C VAL A 183 -3.95 -2.28 16.88
N GLN A 184 -4.52 -3.37 17.36
CA GLN A 184 -5.82 -3.26 18.04
C GLN A 184 -5.75 -2.42 19.34
N SER A 185 -4.75 -2.69 20.17
CA SER A 185 -4.52 -1.88 21.36
C SER A 185 -4.27 -0.40 21.04
N ALA A 186 -3.42 -0.13 20.05
CA ALA A 186 -3.18 1.23 19.61
C ALA A 186 -4.50 1.90 19.17
N THR A 187 -5.31 1.24 18.37
CA THR A 187 -6.60 1.77 17.98
C THR A 187 -7.48 2.09 19.21
N GLN A 188 -7.55 1.13 20.12
CA GLN A 188 -8.30 1.30 21.36
C GLN A 188 -7.82 2.51 22.14
N ALA A 189 -6.52 2.70 22.23
CA ALA A 189 -5.98 3.84 22.94
C ALA A 189 -6.48 5.18 22.38
N ILE A 190 -6.88 5.23 21.12
CA ILE A 190 -7.19 6.54 20.52
C ILE A 190 -8.62 6.73 20.00
N ALA A 191 -9.39 5.64 19.93
CA ALA A 191 -10.65 5.68 19.20
C ALA A 191 -11.64 6.66 19.86
N GLU A 192 -11.63 6.80 21.18
CA GLU A 192 -12.58 7.67 21.86
C GLU A 192 -12.19 9.17 21.78
N LYS A 193 -10.91 9.45 21.53
CA LYS A 193 -10.47 10.83 21.28
C LYS A 193 -10.56 11.18 19.78
N SER A 194 -11.06 10.29 18.94
CA SER A 194 -11.07 10.56 17.51
C SER A 194 -12.46 10.57 16.98
N ASP A 195 -12.77 11.44 16.04
CA ASP A 195 -14.07 11.36 15.38
C ASP A 195 -14.05 10.33 14.30
N VAL A 196 -12.87 9.99 13.78
CA VAL A 196 -12.74 8.99 12.73
C VAL A 196 -11.33 8.47 12.76
N ILE A 197 -11.12 7.21 12.42
CA ILE A 197 -9.79 6.67 12.31
C ILE A 197 -9.44 6.61 10.80
N TYR A 198 -8.28 7.15 10.46
CA TYR A 198 -7.76 7.06 9.13
C TYR A 198 -6.88 5.84 9.06
N ALA A 199 -7.34 4.83 8.33
CA ALA A 199 -6.57 3.61 8.19
C ALA A 199 -5.65 3.83 6.97
N LEU A 200 -4.39 4.10 7.20
CA LEU A 200 -3.53 4.44 6.09
C LEU A 200 -2.88 3.24 5.39
N ILE A 201 -2.17 3.57 4.32
CA ILE A 201 -1.37 2.63 3.54
C ILE A 201 -0.11 2.27 4.31
N ASP A 202 -0.34 1.34 5.23
CA ASP A 202 0.70 0.82 6.09
C ASP A 202 0.45 -0.68 6.17
N ASN A 203 1.50 -1.48 6.00
CA ASN A 203 1.39 -2.95 6.00
C ASN A 203 1.01 -3.58 7.33
N THR A 204 1.46 -2.97 8.41
CA THR A 204 1.13 -3.40 9.76
C THR A 204 -0.34 -3.17 10.03
N VAL A 205 -0.83 -1.99 9.70
CA VAL A 205 -2.29 -1.73 9.76
C VAL A 205 -3.08 -2.68 8.87
N ALA A 206 -2.67 -2.78 7.60
CA ALA A 206 -3.36 -3.64 6.64
C ALA A 206 -3.46 -5.07 7.18
N SER A 207 -2.44 -5.59 7.82
CA SER A 207 -2.47 -6.97 8.24
C SER A 207 -3.27 -7.18 9.52
N ALA A 208 -3.69 -6.10 10.18
CA ALA A 208 -4.44 -6.16 11.40
C ALA A 208 -5.72 -5.34 11.30
N ILE A 209 -6.22 -5.11 10.10
CA ILE A 209 -7.33 -4.20 9.89
C ILE A 209 -8.58 -4.71 10.64
N GLU A 210 -8.78 -6.02 10.71
CA GLU A 210 -9.93 -6.58 11.44
C GLU A 210 -9.91 -6.17 12.92
N GLY A 211 -8.74 -6.24 13.53
CA GLY A 211 -8.58 -5.82 14.91
C GLY A 211 -8.77 -4.31 15.09
N MSE A 212 -8.31 -3.53 14.11
CA MSE A 212 -8.54 -2.10 14.17
C MSE A 212 -10.06 -1.83 14.17
O MSE A 212 -10.54 -1.00 14.91
CB MSE A 212 -7.88 -1.36 13.03
CG MSE A 212 -8.33 0.06 12.86
SE MSE A 212 -7.30 1.03 11.50
CE MSE A 212 -5.71 1.45 12.63
N ILE A 213 -10.78 -2.56 13.34
CA ILE A 213 -12.18 -2.28 13.16
C ILE A 213 -12.98 -2.76 14.36
N VAL A 214 -12.50 -3.82 15.00
CA VAL A 214 -13.17 -4.32 16.19
C VAL A 214 -13.08 -3.24 17.27
N ALA A 215 -11.89 -2.69 17.49
CA ALA A 215 -11.70 -1.60 18.45
C ALA A 215 -12.50 -0.34 18.07
N ALA A 216 -12.49 0.05 16.79
CA ALA A 216 -13.21 1.26 16.39
C ALA A 216 -14.72 1.08 16.60
N ASN A 217 -15.24 -0.06 16.13
CA ASN A 217 -16.62 -0.38 16.32
C ASN A 217 -17.03 -0.35 17.80
N GLN A 218 -16.16 -0.82 18.66
CA GLN A 218 -16.43 -0.82 20.08
C GLN A 218 -16.50 0.59 20.64
N ALA A 219 -15.66 1.51 20.13
CA ALA A 219 -15.75 2.94 20.46
C ALA A 219 -16.77 3.71 19.61
N LYS A 220 -17.47 3.02 18.73
CA LYS A 220 -18.44 3.60 17.82
C LYS A 220 -17.79 4.72 17.03
N THR A 221 -16.57 4.49 16.58
CA THR A 221 -15.83 5.44 15.78
C THR A 221 -15.70 4.87 14.37
N PRO A 222 -16.02 5.66 13.34
CA PRO A 222 -15.89 5.19 11.98
C PRO A 222 -14.43 5.14 11.57
N VAL A 223 -14.10 4.27 10.62
CA VAL A 223 -12.79 4.18 10.00
C VAL A 223 -12.92 4.55 8.53
N PHE A 224 -12.09 5.48 8.06
CA PHE A 224 -11.99 5.81 6.65
C PHE A 224 -10.73 5.11 6.13
N GLY A 225 -10.87 4.40 5.01
CA GLY A 225 -9.79 3.59 4.47
C GLY A 225 -9.05 4.20 3.30
N ALA A 226 -7.74 4.07 3.29
CA ALA A 226 -6.94 4.52 2.13
C ALA A 226 -6.88 3.43 1.07
N ALA A 227 -7.44 2.27 1.39
CA ALA A 227 -7.44 1.10 0.51
C ALA A 227 -8.82 0.50 0.52
N THR A 228 -9.25 0.00 -0.62
CA THR A 228 -10.52 -0.71 -0.82
C THR A 228 -10.65 -1.96 0.03
N SER A 229 -9.55 -2.68 0.19
CA SER A 229 -9.55 -3.85 1.05
C SER A 229 -10.03 -3.44 2.47
N TYR A 230 -9.83 -2.20 2.87
CA TYR A 230 -10.28 -1.83 4.21
C TYR A 230 -11.81 -1.69 4.31
N VAL A 231 -12.46 -1.23 3.24
CA VAL A 231 -13.92 -1.03 3.21
C VAL A 231 -14.57 -2.40 3.24
N GLU A 232 -13.95 -3.34 2.55
CA GLU A 232 -14.40 -4.74 2.55
C GLU A 232 -14.49 -5.27 3.99
N ARG A 233 -13.67 -4.77 4.92
CA ARG A 233 -13.66 -5.31 6.29
C ARG A 233 -14.39 -4.44 7.27
N GLY A 234 -15.05 -3.38 6.80
CA GLY A 234 -15.86 -2.54 7.70
C GLY A 234 -15.53 -1.06 7.88
N ALA A 235 -14.52 -0.55 7.19
CA ALA A 235 -14.38 0.89 7.06
C ALA A 235 -15.66 1.42 6.40
N ILE A 236 -16.10 2.60 6.77
CA ILE A 236 -17.30 3.16 6.12
C ILE A 236 -17.13 3.62 4.67
N ALA A 237 -15.92 4.00 4.31
CA ALA A 237 -15.66 4.52 3.00
C ALA A 237 -14.19 4.33 2.73
N SER A 238 -13.81 4.34 1.46
CA SER A 238 -12.39 4.34 1.11
C SER A 238 -12.16 4.99 -0.22
N LEU A 239 -10.94 5.46 -0.44
CA LEU A 239 -10.59 6.01 -1.75
C LEU A 239 -9.23 5.47 -2.18
N GLY A 240 -9.21 4.22 -2.61
CA GLY A 240 -7.94 3.53 -2.86
C GLY A 240 -7.69 3.24 -4.32
N PHE A 241 -6.47 2.82 -4.61
CA PHE A 241 -6.10 2.40 -5.97
C PHE A 241 -6.57 0.99 -6.21
N ASP A 242 -6.48 0.61 -7.47
CA ASP A 242 -6.79 -0.74 -7.92
C ASP A 242 -5.45 -1.48 -7.98
N TYR A 243 -5.15 -2.27 -6.96
CA TYR A 243 -3.82 -2.87 -6.85
C TYR A 243 -3.61 -3.96 -7.92
N TYR A 244 -4.71 -4.59 -8.39
CA TYR A 244 -4.56 -5.59 -9.45
C TYR A 244 -3.99 -4.88 -10.69
N GLN A 245 -4.51 -3.72 -11.03
CA GLN A 245 -4.02 -3.02 -12.23
C GLN A 245 -2.62 -2.50 -12.08
N ILE A 246 -2.28 -2.10 -10.88
CA ILE A 246 -0.88 -1.72 -10.59
C ILE A 246 0.04 -2.93 -10.83
N GLY A 247 -0.39 -4.11 -10.41
CA GLY A 247 0.39 -5.31 -10.72
C GLY A 247 0.49 -5.52 -12.22
N VAL A 248 -0.62 -5.38 -12.96
CA VAL A 248 -0.59 -5.48 -14.40
C VAL A 248 0.39 -4.50 -15.02
N GLN A 249 0.41 -3.26 -14.54
CA GLN A 249 1.40 -2.31 -15.07
C GLN A 249 2.81 -2.63 -14.67
N THR A 250 2.99 -3.24 -13.50
CA THR A 250 4.33 -3.71 -13.10
C THR A 250 4.93 -4.67 -14.14
N ALA A 251 4.11 -5.46 -14.80
CA ALA A 251 4.61 -6.43 -15.78
C ALA A 251 5.21 -5.74 -16.98
N ASP A 252 4.72 -4.57 -17.34
CA ASP A 252 5.35 -3.76 -18.36
C ASP A 252 6.80 -3.47 -18.06
N TYR A 253 7.12 -3.09 -16.83
CA TYR A 253 8.51 -2.83 -16.45
C TYR A 253 9.34 -4.12 -16.52
N VAL A 254 8.83 -5.16 -15.89
CA VAL A 254 9.53 -6.44 -15.90
C VAL A 254 9.80 -6.92 -17.36
N ALA A 255 8.80 -6.87 -18.23
CA ALA A 255 9.01 -7.32 -19.61
C ALA A 255 10.04 -6.44 -20.31
N ALA A 256 9.98 -5.13 -20.09
CA ALA A 256 10.90 -4.24 -20.79
C ALA A 256 12.31 -4.57 -20.32
N ILE A 257 12.48 -4.88 -19.06
CA ILE A 257 13.83 -5.17 -18.57
C ILE A 257 14.34 -6.50 -19.15
N LEU A 258 13.45 -7.47 -19.19
CA LEU A 258 13.82 -8.79 -19.71
C LEU A 258 14.27 -8.68 -21.16
N GLU A 259 13.74 -7.71 -21.87
CA GLU A 259 14.07 -7.46 -23.24
C GLU A 259 15.27 -6.55 -23.43
N GLY A 260 16.01 -6.30 -22.37
CA GLY A 260 17.24 -5.59 -22.48
C GLY A 260 17.21 -4.11 -22.12
N LYS A 261 16.11 -3.60 -21.54
CA LYS A 261 16.15 -2.23 -21.05
C LYS A 261 16.90 -2.17 -19.75
N GLU A 262 17.64 -1.09 -19.53
CA GLU A 262 18.22 -0.78 -18.21
C GLU A 262 17.08 -0.26 -17.30
N PRO A 263 16.94 -0.83 -16.11
CA PRO A 263 15.91 -0.34 -15.17
C PRO A 263 16.09 1.14 -14.84
N GLY A 264 17.33 1.60 -14.75
CA GLY A 264 17.54 3.01 -14.40
C GLY A 264 17.06 4.01 -15.47
N SER A 265 16.75 3.52 -16.67
CA SER A 265 16.35 4.36 -17.78
C SER A 265 14.85 4.37 -17.82
N LEU A 266 14.18 3.66 -16.90
CA LEU A 266 12.73 3.67 -16.89
C LEU A 266 12.23 4.56 -15.76
N ASP A 267 11.46 5.58 -16.10
CA ASP A 267 10.87 6.47 -15.11
C ASP A 267 9.94 5.72 -14.15
N VAL A 268 9.96 6.13 -12.90
CA VAL A 268 9.05 5.58 -11.91
C VAL A 268 7.63 6.12 -12.16
N GLN A 269 6.64 5.25 -12.19
CA GLN A 269 5.30 5.68 -12.46
C GLN A 269 4.55 5.86 -11.14
N VAL A 270 3.73 6.91 -11.06
CA VAL A 270 2.90 7.11 -9.87
C VAL A 270 1.47 6.70 -10.19
N ALA A 271 0.85 5.83 -9.41
CA ALA A 271 -0.54 5.43 -9.66
C ALA A 271 -1.49 6.63 -9.64
N LYS A 272 -2.56 6.53 -10.44
CA LYS A 272 -3.62 7.59 -10.48
C LYS A 272 -5.03 6.97 -10.50
N GLY A 273 -6.03 7.77 -10.19
CA GLY A 273 -7.42 7.31 -10.26
C GLY A 273 -7.75 6.31 -9.17
N SER A 274 -8.37 6.78 -8.11
CA SER A 274 -8.73 5.93 -7.00
C SER A 274 -10.23 5.70 -7.11
N ASP A 275 -10.75 4.58 -6.61
CA ASP A 275 -12.20 4.37 -6.65
C ASP A 275 -12.80 4.69 -5.29
N LEU A 276 -13.83 5.51 -5.31
CA LEU A 276 -14.61 5.83 -4.13
C LEU A 276 -15.57 4.69 -3.85
N VAL A 277 -15.40 4.04 -2.72
CA VAL A 277 -16.25 2.93 -2.32
C VAL A 277 -16.84 3.25 -0.94
N ILE A 278 -18.12 2.91 -0.70
CA ILE A 278 -18.85 3.22 0.55
C ILE A 278 -19.39 1.92 1.15
N ASN A 279 -19.21 1.73 2.45
CA ASN A 279 -19.82 0.61 3.13
C ASN A 279 -21.06 1.06 3.91
N LYS A 280 -22.22 0.94 3.25
CA LYS A 280 -23.53 1.46 3.78
C LYS A 280 -23.90 0.71 5.03
N THR A 281 -23.78 -0.60 4.98
CA THR A 281 -24.06 -1.41 6.14
C THR A 281 -23.25 -0.92 7.33
N ALA A 282 -21.92 -0.98 7.24
CA ALA A 282 -21.08 -0.54 8.35
C ALA A 282 -21.46 0.86 8.84
N ALA A 283 -21.84 1.76 7.92
CA ALA A 283 -22.11 3.16 8.25
C ALA A 283 -23.37 3.26 9.08
N GLU A 284 -24.40 2.59 8.61
CA GLU A 284 -25.65 2.50 9.34
C GLU A 284 -25.49 1.82 10.71
N GLN A 285 -24.70 0.76 10.82
CA GLN A 285 -24.45 0.23 12.18
C GLN A 285 -23.79 1.25 13.11
N LEU A 286 -23.13 2.25 12.56
CA LEU A 286 -22.51 3.25 13.41
C LEU A 286 -23.42 4.46 13.59
N GLY A 287 -24.65 4.39 13.06
CA GLY A 287 -25.58 5.51 13.10
C GLY A 287 -25.15 6.63 12.19
N ILE A 288 -24.43 6.34 11.11
CA ILE A 288 -23.96 7.38 10.21
C ILE A 288 -24.75 7.41 8.90
N THR A 289 -25.06 8.63 8.48
CA THR A 289 -25.73 8.92 7.24
C THR A 289 -24.69 9.46 6.29
N ILE A 290 -24.43 8.73 5.21
CA ILE A 290 -23.46 9.18 4.23
C ILE A 290 -24.17 10.19 3.36
N PRO A 291 -23.63 11.40 3.18
CA PRO A 291 -24.35 12.39 2.41
C PRO A 291 -24.63 12.04 0.94
N GLU A 292 -25.66 12.68 0.38
CA GLU A 292 -26.14 12.35 -0.97
C GLU A 292 -25.09 12.62 -2.02
N ALA A 293 -24.42 13.78 -1.96
CA ALA A 293 -23.43 14.12 -2.99
C ALA A 293 -22.29 13.04 -3.09
N VAL A 294 -22.03 12.37 -1.95
CA VAL A 294 -21.01 11.35 -1.87
C VAL A 294 -21.56 10.03 -2.39
N LEU A 295 -22.74 9.63 -1.91
CA LEU A 295 -23.37 8.36 -2.36
C LEU A 295 -23.57 8.34 -3.89
N ALA A 296 -23.83 9.51 -4.46
CA ALA A 296 -23.96 9.70 -5.93
C ALA A 296 -22.66 9.41 -6.71
N ARG A 297 -21.51 9.79 -6.15
CA ARG A 297 -20.19 9.53 -6.77
C ARG A 297 -19.64 8.11 -6.52
N ALA A 298 -20.33 7.30 -5.74
CA ALA A 298 -19.77 6.02 -5.28
C ALA A 298 -19.72 5.02 -6.41
N THR A 299 -18.51 4.73 -6.90
CA THR A 299 -18.31 3.73 -7.97
C THR A 299 -18.74 2.34 -7.48
N SER A 300 -18.89 2.17 -6.18
CA SER A 300 -19.38 0.92 -5.65
C SER A 300 -19.98 1.21 -4.28
N THR A 301 -20.66 0.23 -3.70
CA THR A 301 -21.61 0.58 -2.66
C THR A 301 -21.99 -0.45 -1.58
N LYS A 302 -21.18 -1.47 -1.34
CA LYS A 302 -21.54 -2.46 -0.27
C LYS A 302 -21.78 -1.79 1.12
N PHE B . 2.28 1.23 -0.26
CA PHE B . 2.62 0.27 0.86
C PHE B . 4.17 0.24 1.02
O PHE B . 4.83 1.20 0.53
CB PHE B . 2.02 -1.12 0.63
CG PHE B . 0.51 -1.17 0.94
CD1 PHE B . 0.06 -1.13 2.27
CD2 PHE B . -0.42 -1.24 -0.06
CE1 PHE B . -1.27 -1.15 2.57
CE2 PHE B . -1.76 -1.26 0.22
CZ PHE B . -2.20 -1.22 1.52
OXT PHE B . 4.78 -0.67 1.63
ZN ZN C . 12.18 -20.99 -8.75
ZN ZN D . 11.40 10.45 -18.43
ZN ZN E . -14.35 8.28 18.47
S SO4 F . 2.18 -20.79 -8.85
O1 SO4 F . 2.54 -19.41 -9.17
O2 SO4 F . 3.33 -21.47 -8.24
O3 SO4 F . 1.82 -21.53 -10.07
O4 SO4 F . 1.01 -20.83 -7.97
C1 GOL G . 6.90 -14.65 -26.32
O1 GOL G . 6.19 -15.89 -26.16
C2 GOL G . 8.28 -14.67 -25.61
O2 GOL G . 9.22 -15.42 -26.38
C3 GOL G . 8.94 -13.30 -25.36
O3 GOL G . 8.03 -12.23 -25.42
#